data_6JBD
#
_entry.id   6JBD
#
_cell.length_a   95.323
_cell.length_b   95.323
_cell.length_c   60.691
_cell.angle_alpha   90.000
_cell.angle_beta   90.000
_cell.angle_gamma   120.000
#
_symmetry.space_group_name_H-M   'P 3 2 1'
#
loop_
_entity.id
_entity.type
_entity.pdbx_description
1 polymer 'Pantoate kinase'
2 non-polymer GLYCEROL
3 non-polymer 1,2-ETHANEDIOL
4 non-polymer 'TRIETHYLENE GLYCOL'
5 non-polymer "ADENOSINE-5'-TRIPHOSPHATE"
6 non-polymer 'MAGNESIUM ION'
7 non-polymer 'CALCIUM ION'
8 non-polymer 'SODIUM ION'
9 water water
#
_entity_poly.entity_id   1
_entity_poly.type   'polypeptide(L)'
_entity_poly.pdbx_seq_one_letter_code
;MLIRAFIPAHITAFFVPVFHEEPLKAGSLGAGVNLSKGTNVFASIETGTLERHIHVAFNGEPVKREEAEITYYVAEKLVP
KDFLGEVEVWQYFDFPNGYGFGNSAGGALGTALALSYAFGGTWLRAAQLAHEAEVKHKGGLGDVIGQLAGGIEVRIKPGG
PGIGVTDNLFFEDYKVLVVPLGRLSTREVLDGDVVKAIEVEGRKALEELLKEPKPERMMVLARNFAEKTGLLPGELSEIA
RELDKVLKNPSSMIMLGKGLFALVRDEEAEKAKQLLSDMNLPYDIAEIYTERPKVGRWVG
;
_entity_poly.pdbx_strand_id   A
#
loop_
_chem_comp.id
_chem_comp.type
_chem_comp.name
_chem_comp.formula
ATP non-polymer ADENOSINE-5'-TRIPHOSPHATE 'C10 H16 N5 O13 P3'
CA non-polymer 'CALCIUM ION' 'Ca 2'
EDO non-polymer 1,2-ETHANEDIOL 'C2 H6 O2'
GOL non-polymer GLYCEROL 'C3 H8 O3'
MG non-polymer 'MAGNESIUM ION' 'Mg 2'
NA non-polymer 'SODIUM ION' 'Na 1'
PGE non-polymer 'TRIETHYLENE GLYCOL' 'C6 H14 O4'
#
# COMPACT_ATOMS: atom_id res chain seq x y z
N MET A 1 -15.63 -22.64 -2.82
CA MET A 1 -14.94 -22.78 -1.50
C MET A 1 -13.59 -22.08 -1.49
N LEU A 2 -13.02 -21.81 -2.67
CA LEU A 2 -11.74 -21.13 -2.71
C LEU A 2 -11.77 -19.80 -3.48
N ILE A 3 -11.75 -18.70 -2.74
CA ILE A 3 -11.79 -17.37 -3.33
C ILE A 3 -10.43 -16.69 -3.26
N ARG A 4 -10.00 -16.07 -4.36
CA ARG A 4 -8.72 -15.36 -4.38
C ARG A 4 -8.88 -13.87 -4.64
N ALA A 5 -8.04 -13.07 -3.99
CA ALA A 5 -8.07 -11.63 -4.18
C ALA A 5 -6.65 -11.14 -4.29
N PHE A 6 -6.43 -10.14 -5.13
CA PHE A 6 -5.12 -9.54 -5.29
C PHE A 6 -5.22 -8.05 -5.06
N ILE A 7 -4.34 -7.54 -4.22
CA ILE A 7 -4.28 -6.13 -3.88
C ILE A 7 -2.85 -5.71 -4.19
N PRO A 8 -2.68 -4.71 -5.05
CA PRO A 8 -1.32 -4.29 -5.36
C PRO A 8 -0.63 -3.66 -4.16
N ALA A 9 0.69 -3.71 -4.14
CA ALA A 9 1.43 -3.08 -3.07
C ALA A 9 1.30 -1.59 -3.35
N HIS A 10 1.25 -0.79 -2.29
CA HIS A 10 1.13 0.66 -2.44
C HIS A 10 2.28 1.42 -1.77
N ILE A 11 2.88 2.32 -2.53
CA ILE A 11 4.00 3.15 -2.08
C ILE A 11 3.57 4.60 -2.05
N THR A 12 3.85 5.31 -0.97
CA THR A 12 3.49 6.73 -0.86
C THR A 12 4.69 7.62 -1.16
N ALA A 13 4.46 8.65 -1.98
CA ALA A 13 5.50 9.58 -2.38
C ALA A 13 5.64 10.68 -1.33
N PHE A 14 4.51 11.23 -0.90
CA PHE A 14 4.47 12.25 0.12
C PHE A 14 3.04 12.24 0.65
N PHE A 15 2.87 12.65 1.90
CA PHE A 15 1.55 12.64 2.49
C PHE A 15 1.32 13.73 3.51
N VAL A 16 0.09 13.71 3.97
CA VAL A 16 -0.38 14.57 5.01
C VAL A 16 -1.40 13.69 5.74
N PRO A 17 -1.09 13.30 6.98
CA PRO A 17 -2.00 12.48 7.77
C PRO A 17 -3.10 13.36 8.34
N VAL A 18 -4.31 12.98 8.04
CA VAL A 18 -5.44 13.63 8.62
C VAL A 18 -6.00 12.53 9.51
N PHE A 19 -5.75 12.69 10.80
CA PHE A 19 -6.28 11.81 11.82
C PHE A 19 -7.69 12.28 12.17
N HIS A 20 -8.53 11.32 12.50
CA HIS A 20 -9.91 11.58 12.85
C HIS A 20 -10.45 10.38 13.62
N GLU A 21 -11.14 10.67 14.71
CA GLU A 21 -11.74 9.64 15.55
C GLU A 21 -12.80 8.86 14.80
N GLU A 22 -13.28 9.39 13.68
CA GLU A 22 -14.27 8.66 12.89
C GLU A 22 -13.53 7.96 11.74
N PRO A 23 -13.45 6.63 11.80
CA PRO A 23 -12.77 5.80 10.79
C PRO A 23 -12.96 6.31 9.35
N LEU A 24 -14.20 6.38 8.91
CA LEU A 24 -14.50 6.84 7.56
C LEU A 24 -14.01 8.26 7.26
N LYS A 25 -14.01 9.13 8.27
CA LYS A 25 -13.54 10.50 8.06
C LYS A 25 -12.02 10.58 8.23
N ALA A 26 -11.42 9.48 8.63
CA ALA A 26 -9.97 9.44 8.82
C ALA A 26 -9.32 9.09 7.51
N GLY A 27 -8.15 9.66 7.27
CA GLY A 27 -7.45 9.37 6.04
C GLY A 27 -6.20 10.22 5.93
N SER A 28 -5.85 10.56 4.69
CA SER A 28 -4.67 11.37 4.43
C SER A 28 -4.80 12.02 3.05
N LEU A 29 -3.85 12.90 2.76
CA LEU A 29 -3.79 13.57 1.48
C LEU A 29 -2.40 13.21 1.00
N GLY A 30 -2.20 13.16 -0.32
CA GLY A 30 -0.89 12.83 -0.83
C GLY A 30 -0.94 12.14 -2.18
N ALA A 31 0.18 11.52 -2.54
CA ALA A 31 0.29 10.81 -3.81
C ALA A 31 1.02 9.49 -3.61
N GLY A 32 0.88 8.58 -4.58
CA GLY A 32 1.53 7.29 -4.49
C GLY A 32 1.38 6.47 -5.75
N VAL A 33 1.95 5.27 -5.74
CA VAL A 33 1.91 4.36 -6.87
C VAL A 33 1.55 2.94 -6.44
N ASN A 34 0.92 2.21 -7.34
CA ASN A 34 0.52 0.84 -7.07
C ASN A 34 1.34 -0.10 -7.95
N LEU A 35 1.74 -1.23 -7.38
CA LEU A 35 2.59 -2.19 -8.06
C LEU A 35 1.93 -3.48 -8.54
N SER A 36 2.46 -4.03 -9.63
CA SER A 36 1.95 -5.27 -10.20
C SER A 36 2.30 -6.39 -9.22
N LYS A 37 3.16 -6.05 -8.26
CA LYS A 37 3.57 -6.97 -7.21
C LYS A 37 2.83 -6.55 -5.94
N GLY A 38 2.27 -7.51 -5.24
CA GLY A 38 1.54 -7.21 -4.03
C GLY A 38 1.13 -8.45 -3.26
N THR A 39 -0.04 -8.36 -2.64
CA THR A 39 -0.60 -9.41 -1.81
C THR A 39 -1.69 -10.26 -2.45
N ASN A 40 -1.56 -11.57 -2.28
CA ASN A 40 -2.56 -12.51 -2.77
C ASN A 40 -3.19 -13.13 -1.55
N VAL A 41 -4.51 -13.02 -1.47
CA VAL A 41 -5.27 -13.54 -0.34
C VAL A 41 -6.20 -14.66 -0.82
N PHE A 42 -6.14 -15.81 -0.16
CA PHE A 42 -6.99 -16.92 -0.52
C PHE A 42 -7.92 -17.28 0.64
N ALA A 43 -9.23 -17.25 0.36
CA ALA A 43 -10.22 -17.58 1.37
C ALA A 43 -10.83 -18.97 1.13
N SER A 44 -10.43 -19.93 1.95
CA SER A 44 -10.93 -21.32 1.91
C SER A 44 -12.03 -21.43 2.97
N ILE A 45 -13.19 -21.89 2.52
CA ILE A 45 -14.39 -21.89 3.33
C ILE A 45 -15.15 -23.20 3.20
N GLU A 46 -15.25 -23.88 4.34
CA GLU A 46 -15.92 -25.17 4.44
C GLU A 46 -17.01 -25.15 5.49
N THR A 47 -18.19 -25.63 5.10
CA THR A 47 -19.31 -25.70 6.03
C THR A 47 -19.21 -27.01 6.80
N GLY A 48 -19.69 -26.99 8.05
CA GLY A 48 -19.78 -28.21 8.84
C GLY A 48 -19.55 -27.96 10.32
N THR A 49 -19.51 -29.06 11.08
CA THR A 49 -19.27 -29.07 12.52
C THR A 49 -20.34 -28.41 13.36
N LEU A 50 -20.01 -28.30 14.65
CA LEU A 50 -20.80 -27.68 15.71
C LEU A 50 -20.10 -26.40 16.21
N GLU A 51 -19.14 -25.88 15.45
CA GLU A 51 -18.36 -24.69 15.83
C GLU A 51 -17.92 -23.77 14.67
N ARG A 52 -17.58 -22.53 15.03
CA ARG A 52 -17.13 -21.47 14.13
C ARG A 52 -15.61 -21.21 14.30
N HIS A 53 -14.82 -21.59 13.30
CA HIS A 53 -13.36 -21.39 13.36
C HIS A 53 -12.76 -20.54 12.25
N ILE A 54 -11.93 -19.58 12.64
CA ILE A 54 -11.25 -18.69 11.69
C ILE A 54 -9.74 -18.76 11.91
N HIS A 55 -9.02 -19.20 10.89
CA HIS A 55 -7.57 -19.31 10.96
C HIS A 55 -6.96 -18.41 9.90
N VAL A 56 -5.77 -17.87 10.20
CA VAL A 56 -5.07 -17.01 9.26
C VAL A 56 -3.61 -17.45 9.11
N ALA A 57 -3.05 -17.26 7.93
CA ALA A 57 -1.66 -17.62 7.70
C ALA A 57 -0.97 -16.55 6.90
N PHE A 58 0.32 -16.35 7.18
CA PHE A 58 1.14 -15.39 6.47
C PHE A 58 2.24 -16.20 5.79
N ASN A 59 2.30 -16.09 4.47
CA ASN A 59 3.28 -16.81 3.67
C ASN A 59 3.42 -18.29 4.06
N GLY A 60 2.30 -18.99 4.13
CA GLY A 60 2.31 -20.40 4.46
C GLY A 60 2.32 -20.77 5.93
N GLU A 61 2.67 -19.86 6.80
CA GLU A 61 2.69 -20.18 8.21
C GLU A 61 1.51 -19.63 9.01
N PRO A 62 0.89 -20.48 9.83
CA PRO A 62 -0.23 -19.98 10.63
C PRO A 62 0.25 -18.86 11.54
N VAL A 63 -0.63 -17.91 11.82
CA VAL A 63 -0.26 -16.78 12.66
C VAL A 63 -1.27 -16.59 13.78
N LYS A 64 -0.81 -16.13 14.94
CA LYS A 64 -1.72 -15.89 16.06
C LYS A 64 -2.47 -14.61 15.72
N ARG A 65 -3.70 -14.48 16.22
CA ARG A 65 -4.61 -13.34 15.98
C ARG A 65 -4.03 -11.99 16.35
N GLU A 66 -3.00 -12.09 17.13
CA GLU A 66 -2.30 -11.00 17.74
C GLU A 66 -1.32 -10.32 16.81
N GLU A 67 -0.99 -11.09 15.77
CA GLU A 67 -0.08 -10.69 14.70
C GLU A 67 -0.90 -10.52 13.44
N ALA A 68 -2.13 -10.99 13.55
CA ALA A 68 -3.10 -11.01 12.46
C ALA A 68 -4.36 -10.18 12.78
N GLU A 69 -4.30 -9.44 13.89
CA GLU A 69 -5.38 -8.59 14.40
C GLU A 69 -6.23 -7.86 13.36
N ILE A 70 -5.58 -7.29 12.36
CA ILE A 70 -6.28 -6.53 11.33
C ILE A 70 -7.08 -7.47 10.44
N THR A 71 -6.47 -8.57 10.05
CA THR A 71 -7.16 -9.53 9.21
C THR A 71 -8.31 -10.15 10.00
N TYR A 72 -8.02 -10.48 11.26
CA TYR A 72 -9.01 -11.07 12.14
C TYR A 72 -10.18 -10.11 12.37
N TYR A 73 -9.88 -8.82 12.55
CA TYR A 73 -10.92 -7.82 12.76
C TYR A 73 -11.87 -7.86 11.58
N VAL A 74 -11.29 -7.92 10.38
CA VAL A 74 -12.05 -7.99 9.14
C VAL A 74 -12.83 -9.30 9.04
N ALA A 75 -12.16 -10.42 9.37
CA ALA A 75 -12.80 -11.73 9.29
C ALA A 75 -13.95 -11.94 10.28
N GLU A 76 -13.78 -11.51 11.53
CA GLU A 76 -14.82 -11.66 12.53
C GLU A 76 -16.07 -10.90 12.12
N LYS A 77 -15.89 -9.78 11.42
CA LYS A 77 -17.01 -8.94 11.01
C LYS A 77 -17.76 -9.51 9.80
N LEU A 78 -17.05 -10.18 8.91
CA LEU A 78 -17.68 -10.73 7.71
C LEU A 78 -18.16 -12.18 7.83
N VAL A 79 -17.53 -12.96 8.68
CA VAL A 79 -17.96 -14.35 8.86
C VAL A 79 -19.13 -14.37 9.84
N PRO A 80 -20.30 -14.85 9.39
CA PRO A 80 -21.52 -14.92 10.23
C PRO A 80 -21.27 -15.55 11.60
N LYS A 81 -21.94 -15.03 12.62
CA LYS A 81 -21.78 -15.57 13.97
C LYS A 81 -22.58 -16.85 14.16
N ASP A 82 -23.59 -17.07 13.32
CA ASP A 82 -24.39 -18.28 13.39
C ASP A 82 -23.75 -19.30 12.49
N PHE A 83 -22.72 -18.87 11.77
CA PHE A 83 -22.01 -19.74 10.85
C PHE A 83 -21.25 -20.84 11.58
N LEU A 84 -21.34 -22.05 11.03
CA LEU A 84 -20.64 -23.21 11.57
C LEU A 84 -19.74 -23.74 10.46
N GLY A 85 -18.47 -23.95 10.77
CA GLY A 85 -17.53 -24.43 9.78
C GLY A 85 -16.14 -23.86 10.00
N GLU A 86 -15.28 -23.99 8.99
CA GLU A 86 -13.93 -23.49 9.10
C GLU A 86 -13.56 -22.48 8.01
N VAL A 87 -13.14 -21.30 8.43
CA VAL A 87 -12.72 -20.25 7.50
C VAL A 87 -11.20 -20.09 7.59
N GLU A 88 -10.53 -20.27 6.46
CA GLU A 88 -9.08 -20.14 6.42
C GLU A 88 -8.64 -19.04 5.47
N VAL A 89 -7.77 -18.16 5.93
CA VAL A 89 -7.30 -17.07 5.11
C VAL A 89 -5.79 -17.14 4.96
N TRP A 90 -5.33 -17.46 3.75
CA TRP A 90 -3.90 -17.56 3.46
C TRP A 90 -3.44 -16.31 2.71
N GLN A 91 -2.50 -15.57 3.29
CA GLN A 91 -2.03 -14.37 2.64
C GLN A 91 -0.60 -14.58 2.19
N TYR A 92 -0.28 -14.10 1.00
CA TYR A 92 1.06 -14.20 0.43
C TYR A 92 1.50 -12.82 0.00
N PHE A 93 2.65 -12.39 0.51
CA PHE A 93 3.17 -11.07 0.21
C PHE A 93 4.37 -11.11 -0.74
N ASP A 94 4.54 -10.05 -1.52
CA ASP A 94 5.67 -9.98 -2.42
C ASP A 94 6.74 -9.09 -1.79
N PHE A 95 6.43 -8.56 -0.61
CA PHE A 95 7.35 -7.69 0.12
C PHE A 95 7.30 -7.97 1.62
N PRO A 96 8.37 -7.62 2.35
CA PRO A 96 8.39 -7.86 3.79
C PRO A 96 7.48 -6.85 4.49
N ASN A 97 6.93 -7.22 5.62
CA ASN A 97 6.06 -6.32 6.35
C ASN A 97 6.90 -5.23 7.01
N GLY A 98 6.34 -4.03 7.13
CA GLY A 98 7.06 -2.94 7.76
C GLY A 98 8.06 -2.19 6.90
N TYR A 99 8.01 -2.43 5.59
CA TYR A 99 8.91 -1.76 4.66
C TYR A 99 8.27 -0.61 3.89
N GLY A 100 7.02 -0.31 4.19
CA GLY A 100 6.34 0.79 3.49
C GLY A 100 5.53 0.40 2.28
N PHE A 101 5.29 -0.89 2.06
CA PHE A 101 4.51 -1.32 0.90
C PHE A 101 3.01 -1.53 1.13
N GLY A 102 2.57 -1.40 2.38
CA GLY A 102 1.15 -1.54 2.68
C GLY A 102 0.54 -2.93 2.69
N ASN A 103 1.33 -3.90 3.12
CA ASN A 103 0.90 -5.29 3.20
C ASN A 103 -0.30 -5.40 4.12
N SER A 104 -0.26 -4.66 5.23
CA SER A 104 -1.37 -4.74 6.15
C SER A 104 -2.64 -4.26 5.44
N ALA A 105 -2.53 -3.28 4.55
CA ALA A 105 -3.72 -2.83 3.81
C ALA A 105 -4.11 -3.95 2.82
N GLY A 106 -3.10 -4.62 2.28
CA GLY A 106 -3.34 -5.71 1.36
C GLY A 106 -4.11 -6.84 2.04
N GLY A 107 -3.72 -7.16 3.26
CA GLY A 107 -4.39 -8.22 3.99
C GLY A 107 -5.79 -7.79 4.37
N ALA A 108 -5.95 -6.52 4.77
CA ALA A 108 -7.25 -6.00 5.17
C ALA A 108 -8.25 -6.03 4.01
N LEU A 109 -7.86 -5.39 2.91
CA LEU A 109 -8.73 -5.32 1.75
C LEU A 109 -8.90 -6.70 1.11
N GLY A 110 -7.80 -7.43 0.90
CA GLY A 110 -7.89 -8.75 0.32
C GLY A 110 -8.85 -9.66 1.06
N THR A 111 -8.79 -9.66 2.39
CA THR A 111 -9.66 -10.47 3.21
C THR A 111 -11.11 -9.98 3.10
N ALA A 112 -11.28 -8.67 3.16
CA ALA A 112 -12.62 -8.08 3.09
C ALA A 112 -13.31 -8.37 1.76
N LEU A 113 -12.56 -8.36 0.66
CA LEU A 113 -13.15 -8.62 -0.64
C LEU A 113 -13.44 -10.11 -0.79
N ALA A 114 -12.48 -10.96 -0.47
CA ALA A 114 -12.68 -12.41 -0.57
C ALA A 114 -13.83 -12.89 0.32
N LEU A 115 -13.88 -12.42 1.57
CA LEU A 115 -14.94 -12.86 2.48
C LEU A 115 -16.32 -12.26 2.21
N SER A 116 -16.37 -11.04 1.67
CA SER A 116 -17.64 -10.41 1.32
C SER A 116 -18.21 -11.17 0.14
N TYR A 117 -17.33 -11.61 -0.76
CA TYR A 117 -17.71 -12.36 -1.95
C TYR A 117 -18.35 -13.70 -1.55
N ALA A 118 -17.76 -14.38 -0.58
CA ALA A 118 -18.25 -15.67 -0.13
C ALA A 118 -19.50 -15.59 0.75
N PHE A 119 -19.49 -14.70 1.73
CA PHE A 119 -20.61 -14.56 2.64
C PHE A 119 -21.62 -13.47 2.34
N GLY A 120 -21.41 -12.69 1.28
CA GLY A 120 -22.34 -11.62 0.96
C GLY A 120 -21.82 -10.23 1.33
N GLY A 121 -22.15 -9.24 0.53
CA GLY A 121 -21.71 -7.88 0.80
C GLY A 121 -21.46 -7.15 -0.51
N THR A 122 -20.72 -6.04 -0.44
CA THR A 122 -20.41 -5.27 -1.64
C THR A 122 -18.98 -4.74 -1.61
N TRP A 123 -18.54 -4.18 -2.72
CA TRP A 123 -17.20 -3.62 -2.78
C TRP A 123 -17.01 -2.53 -1.74
N LEU A 124 -17.93 -1.56 -1.73
CA LEU A 124 -17.82 -0.44 -0.80
C LEU A 124 -17.79 -0.85 0.67
N ARG A 125 -18.70 -1.73 1.07
CA ARG A 125 -18.73 -2.18 2.44
C ARG A 125 -17.42 -2.90 2.79
N ALA A 126 -16.89 -3.68 1.85
CA ALA A 126 -15.65 -4.38 2.11
C ALA A 126 -14.52 -3.38 2.27
N ALA A 127 -14.47 -2.42 1.36
CA ALA A 127 -13.42 -1.39 1.40
C ALA A 127 -13.47 -0.55 2.66
N GLN A 128 -14.67 -0.16 3.08
CA GLN A 128 -14.80 0.66 4.27
C GLN A 128 -14.32 -0.10 5.50
N LEU A 129 -14.71 -1.37 5.57
CA LEU A 129 -14.33 -2.21 6.68
C LEU A 129 -12.81 -2.41 6.76
N ALA A 130 -12.16 -2.56 5.61
CA ALA A 130 -10.71 -2.76 5.60
C ALA A 130 -10.05 -1.45 5.97
N HIS A 131 -10.63 -0.35 5.50
CA HIS A 131 -10.11 0.96 5.82
C HIS A 131 -10.25 1.11 7.33
N GLU A 132 -11.44 0.82 7.84
CA GLU A 132 -11.75 0.92 9.27
C GLU A 132 -10.80 0.06 10.12
N ALA A 133 -10.52 -1.15 9.66
CA ALA A 133 -9.64 -2.05 10.38
C ALA A 133 -8.21 -1.50 10.37
N GLU A 134 -7.85 -0.81 9.29
CA GLU A 134 -6.51 -0.23 9.20
C GLU A 134 -6.38 0.91 10.19
N VAL A 135 -7.34 1.81 10.16
CA VAL A 135 -7.35 2.96 11.05
C VAL A 135 -7.36 2.56 12.52
N LYS A 136 -8.33 1.75 12.92
CA LYS A 136 -8.41 1.32 14.31
C LYS A 136 -7.18 0.61 14.87
N HIS A 137 -6.34 0.04 14.01
CA HIS A 137 -5.16 -0.64 14.49
C HIS A 137 -3.87 0.08 14.09
N LYS A 138 -4.00 1.33 13.66
CA LYS A 138 -2.83 2.11 13.27
C LYS A 138 -2.09 1.40 12.14
N GLY A 139 -2.85 0.76 11.25
CA GLY A 139 -2.26 0.06 10.13
C GLY A 139 -1.84 0.99 8.99
N GLY A 140 -2.69 1.96 8.67
CA GLY A 140 -2.37 2.90 7.60
C GLY A 140 -3.52 3.85 7.36
N LEU A 141 -3.23 5.01 6.76
CA LEU A 141 -4.28 6.00 6.51
C LEU A 141 -4.72 6.13 5.05
N GLY A 142 -3.86 5.79 4.10
CA GLY A 142 -4.24 5.93 2.71
C GLY A 142 -3.86 4.80 1.79
N ASP A 143 -3.45 3.65 2.32
CA ASP A 143 -3.08 2.53 1.48
C ASP A 143 -4.32 1.86 0.87
N VAL A 144 -5.35 1.65 1.68
CA VAL A 144 -6.58 1.02 1.20
C VAL A 144 -7.26 1.84 0.10
N ILE A 145 -7.50 3.12 0.39
CA ILE A 145 -8.16 3.97 -0.58
C ILE A 145 -7.24 4.16 -1.79
N GLY A 146 -5.94 4.16 -1.53
CA GLY A 146 -4.96 4.30 -2.59
C GLY A 146 -4.95 3.07 -3.50
N GLN A 147 -5.06 1.89 -2.92
CA GLN A 147 -5.08 0.64 -3.68
C GLN A 147 -6.36 0.52 -4.51
N LEU A 148 -7.46 1.05 -4.00
CA LEU A 148 -8.72 1.01 -4.70
C LEU A 148 -8.69 1.90 -5.95
N ALA A 149 -7.84 2.92 -5.93
CA ALA A 149 -7.71 3.82 -7.07
C ALA A 149 -6.80 3.24 -8.15
N GLY A 150 -5.77 2.51 -7.75
CA GLY A 150 -4.87 1.94 -8.73
C GLY A 150 -3.93 2.98 -9.34
N GLY A 151 -3.06 2.52 -10.22
CA GLY A 151 -2.12 3.39 -10.92
C GLY A 151 -1.42 4.37 -10.01
N ILE A 152 -1.16 5.56 -10.54
CA ILE A 152 -0.59 6.66 -9.79
C ILE A 152 -1.79 7.48 -9.23
N GLU A 153 -2.02 7.31 -7.92
CA GLU A 153 -3.12 7.89 -7.14
C GLU A 153 -2.70 9.16 -6.43
N VAL A 154 -3.68 10.06 -6.29
CA VAL A 154 -3.56 11.32 -5.58
C VAL A 154 -4.81 11.48 -4.70
N ARG A 155 -4.58 11.57 -3.40
CA ARG A 155 -5.66 11.76 -2.44
C ARG A 155 -5.82 13.27 -2.26
N ILE A 156 -6.91 13.82 -2.78
CA ILE A 156 -7.14 15.26 -2.71
C ILE A 156 -8.06 15.66 -1.58
N LYS A 157 -8.88 14.72 -1.13
CA LYS A 157 -9.81 14.95 -0.03
C LYS A 157 -9.67 13.76 0.90
N PRO A 158 -9.27 14.01 2.16
CA PRO A 158 -9.08 12.98 3.20
C PRO A 158 -10.34 12.21 3.56
N GLY A 159 -10.17 10.91 3.79
CA GLY A 159 -11.30 10.07 4.15
C GLY A 159 -11.17 8.65 3.66
N GLY A 160 -12.09 7.80 4.10
CA GLY A 160 -12.10 6.40 3.71
C GLY A 160 -12.94 6.20 2.47
N PRO A 161 -13.03 4.98 1.95
CA PRO A 161 -13.81 4.73 0.75
C PRO A 161 -15.20 5.17 0.94
N GLY A 162 -15.63 5.88 -0.08
CA GLY A 162 -16.94 6.40 0.07
C GLY A 162 -16.88 7.89 0.26
N ILE A 163 -16.28 8.32 1.34
CA ILE A 163 -16.20 9.72 1.73
C ILE A 163 -15.11 10.63 1.08
N GLY A 164 -13.92 10.08 0.85
CA GLY A 164 -12.83 10.85 0.27
C GLY A 164 -12.72 10.73 -1.25
N VAL A 165 -11.93 11.64 -1.83
CA VAL A 165 -11.70 11.72 -3.27
C VAL A 165 -10.22 11.57 -3.58
N THR A 166 -10.01 10.74 -4.57
CA THR A 166 -8.71 10.45 -5.09
C THR A 166 -8.83 10.77 -6.57
N ASP A 167 -7.70 11.04 -7.16
CA ASP A 167 -7.64 11.37 -8.56
C ASP A 167 -6.56 10.44 -9.06
N ASN A 168 -6.36 10.40 -10.37
CA ASN A 168 -5.33 9.55 -10.94
C ASN A 168 -4.60 10.36 -11.99
N LEU A 169 -3.30 10.12 -12.10
CA LEU A 169 -2.48 10.81 -13.08
C LEU A 169 -2.24 9.91 -14.27
N PHE A 170 -2.03 10.52 -15.43
CA PHE A 170 -1.74 9.78 -16.64
C PHE A 170 -0.23 9.62 -16.70
N PHE A 171 0.24 8.54 -17.30
CA PHE A 171 1.68 8.36 -17.41
C PHE A 171 1.98 7.52 -18.63
N GLU A 172 3.25 7.50 -19.03
CA GLU A 172 3.62 6.74 -20.22
C GLU A 172 4.93 5.99 -20.06
N ASP A 173 4.92 4.73 -20.50
CA ASP A 173 6.09 3.86 -20.46
C ASP A 173 6.87 4.01 -19.16
N TYR A 174 6.20 3.82 -18.04
CA TYR A 174 6.86 3.91 -16.75
C TYR A 174 6.74 2.62 -15.97
N LYS A 175 7.79 2.31 -15.24
CA LYS A 175 7.89 1.11 -14.45
C LYS A 175 8.36 1.58 -13.08
N VAL A 176 8.33 0.70 -12.08
CA VAL A 176 8.77 1.10 -10.75
C VAL A 176 9.95 0.31 -10.23
N LEU A 177 11.00 1.03 -9.87
CA LEU A 177 12.19 0.43 -9.32
C LEU A 177 12.14 0.66 -7.82
N VAL A 178 12.50 -0.36 -7.05
CA VAL A 178 12.53 -0.26 -5.60
C VAL A 178 13.81 -0.85 -5.00
N VAL A 179 14.30 -0.15 -4.01
CA VAL A 179 15.41 -0.56 -3.21
C VAL A 179 14.93 -0.63 -1.74
N PRO A 180 14.36 -1.78 -1.35
CA PRO A 180 13.86 -2.03 0.01
C PRO A 180 15.00 -2.32 0.97
N LEU A 181 15.48 -1.40 1.79
CA LEU A 181 16.56 -1.85 2.68
C LEU A 181 16.02 -2.47 3.98
N GLY A 182 15.13 -1.76 4.66
CA GLY A 182 14.58 -2.28 5.88
C GLY A 182 13.47 -1.39 6.42
N ARG A 183 13.11 -1.59 7.68
CA ARG A 183 12.07 -0.79 8.32
C ARG A 183 12.65 0.55 8.75
N LEU A 184 11.82 1.58 8.70
CA LEU A 184 12.26 2.91 9.06
C LEU A 184 12.73 2.99 10.50
N SER A 185 11.98 2.36 11.40
CA SER A 185 12.31 2.36 12.83
C SER A 185 12.12 3.72 13.45
N ASP A 191 9.66 12.99 15.98
CA ASP A 191 9.71 14.15 16.86
C ASP A 191 8.37 14.87 16.86
N GLY A 192 8.43 16.20 16.95
CA GLY A 192 7.24 17.01 16.94
C GLY A 192 7.43 18.02 15.83
N ASP A 193 8.67 18.10 15.35
CA ASP A 193 9.04 19.02 14.28
C ASP A 193 8.65 18.44 12.91
N VAL A 194 8.72 17.12 12.80
CA VAL A 194 8.36 16.47 11.54
C VAL A 194 6.85 16.49 11.35
N VAL A 195 6.11 16.41 12.45
CA VAL A 195 4.66 16.42 12.39
C VAL A 195 4.22 17.78 11.87
N LYS A 196 5.07 18.78 12.11
CA LYS A 196 4.82 20.15 11.67
C LYS A 196 5.21 20.29 10.24
N ALA A 197 6.40 19.78 9.95
CA ALA A 197 6.97 19.84 8.62
C ALA A 197 6.09 19.12 7.62
N ILE A 198 5.68 17.90 7.95
CA ILE A 198 4.84 17.12 7.07
C ILE A 198 3.55 17.89 6.75
N GLU A 199 2.93 18.43 7.79
CA GLU A 199 1.70 19.20 7.61
C GLU A 199 1.86 20.27 6.53
N VAL A 200 2.95 21.02 6.64
CA VAL A 200 3.29 22.14 5.75
C VAL A 200 3.88 21.82 4.38
N GLU A 201 4.80 20.86 4.34
CA GLU A 201 5.44 20.44 3.10
C GLU A 201 4.49 19.53 2.32
N GLY A 202 3.84 18.61 3.02
CA GLY A 202 2.92 17.70 2.37
C GLY A 202 1.87 18.44 1.58
N ARG A 203 1.12 19.30 2.25
CA ARG A 203 0.07 20.07 1.60
C ARG A 203 0.64 20.92 0.47
N LYS A 204 1.86 21.40 0.64
CA LYS A 204 2.46 22.22 -0.39
C LYS A 204 2.68 21.38 -1.63
N ALA A 205 3.18 20.17 -1.43
CA ALA A 205 3.46 19.26 -2.53
C ALA A 205 2.18 18.92 -3.29
N LEU A 206 1.10 18.70 -2.55
CA LEU A 206 -0.18 18.38 -3.14
C LEU A 206 -0.63 19.50 -4.06
N GLU A 207 -0.62 20.73 -3.52
CA GLU A 207 -1.02 21.91 -4.27
C GLU A 207 -0.20 22.03 -5.54
N GLU A 208 1.10 21.79 -5.42
CA GLU A 208 1.97 21.86 -6.60
C GLU A 208 1.60 20.80 -7.62
N LEU A 209 1.33 19.59 -7.16
CA LEU A 209 0.99 18.49 -8.06
C LEU A 209 -0.31 18.76 -8.79
N LEU A 210 -1.27 19.36 -8.08
CA LEU A 210 -2.55 19.70 -8.67
C LEU A 210 -2.39 20.86 -9.66
N LYS A 211 -1.23 21.52 -9.63
CA LYS A 211 -0.88 22.62 -10.55
C LYS A 211 -0.35 22.00 -11.83
N GLU A 212 0.54 21.04 -11.63
CA GLU A 212 1.14 20.28 -12.72
C GLU A 212 0.87 18.81 -12.44
N PRO A 213 -0.21 18.27 -13.03
CA PRO A 213 -0.55 16.85 -12.86
C PRO A 213 0.42 16.02 -13.67
N LYS A 214 1.54 15.62 -13.10
CA LYS A 214 2.46 14.82 -13.89
C LYS A 214 3.34 13.98 -13.03
N PRO A 215 3.49 12.72 -13.50
CA PRO A 215 4.32 11.81 -12.72
C PRO A 215 5.72 12.34 -12.50
N GLU A 216 6.31 12.97 -13.50
CA GLU A 216 7.65 13.52 -13.36
C GLU A 216 7.67 14.52 -12.21
N ARG A 217 6.68 15.41 -12.21
CA ARG A 217 6.58 16.43 -11.18
C ARG A 217 6.38 15.84 -9.78
N MET A 218 5.62 14.76 -9.69
CA MET A 218 5.36 14.13 -8.40
C MET A 218 6.65 13.65 -7.73
N MET A 219 7.53 13.02 -8.51
CA MET A 219 8.80 12.52 -7.99
C MET A 219 9.69 13.66 -7.48
N VAL A 220 9.68 14.78 -8.19
CA VAL A 220 10.48 15.93 -7.79
C VAL A 220 9.87 16.47 -6.50
N LEU A 221 8.55 16.65 -6.51
CA LEU A 221 7.85 17.14 -5.34
C LEU A 221 8.01 16.18 -4.17
N ALA A 222 8.23 14.90 -4.48
CA ALA A 222 8.40 13.87 -3.46
C ALA A 222 9.76 14.04 -2.78
N ARG A 223 10.80 14.02 -3.61
CA ARG A 223 12.18 14.18 -3.17
C ARG A 223 12.32 15.42 -2.29
N ASN A 224 11.74 16.53 -2.73
CA ASN A 224 11.82 17.77 -1.97
C ASN A 224 11.15 17.57 -0.62
N PHE A 225 10.03 16.85 -0.64
CA PHE A 225 9.28 16.58 0.58
C PHE A 225 10.07 15.68 1.55
N ALA A 226 10.61 14.59 1.05
CA ALA A 226 11.35 13.67 1.89
C ALA A 226 12.55 14.37 2.55
N GLU A 227 13.05 15.42 1.90
CA GLU A 227 14.21 16.16 2.41
C GLU A 227 13.89 17.34 3.30
N LYS A 228 12.91 18.16 2.90
CA LYS A 228 12.56 19.33 3.69
C LYS A 228 11.82 18.98 4.97
N THR A 229 11.46 17.71 5.15
CA THR A 229 10.74 17.29 6.36
C THR A 229 11.70 16.69 7.38
N GLY A 230 12.85 16.24 6.89
CA GLY A 230 13.83 15.62 7.75
C GLY A 230 13.65 14.11 7.79
N LEU A 231 12.66 13.60 7.05
CA LEU A 231 12.38 12.17 7.00
C LEU A 231 13.46 11.39 6.29
N LEU A 232 14.03 11.97 5.25
CA LEU A 232 15.06 11.29 4.49
C LEU A 232 16.37 11.12 5.27
N PRO A 233 16.75 9.87 5.57
CA PRO A 233 17.96 9.54 6.31
C PRO A 233 19.22 9.67 5.44
N GLY A 234 20.33 10.08 6.07
CA GLY A 234 21.57 10.25 5.35
C GLY A 234 21.97 9.02 4.57
N GLU A 235 21.78 7.85 5.16
CA GLU A 235 22.14 6.61 4.48
C GLU A 235 21.37 6.43 3.16
N LEU A 236 20.11 6.88 3.12
CA LEU A 236 19.32 6.75 1.90
C LEU A 236 19.67 7.88 0.96
N SER A 237 19.77 9.09 1.52
CA SER A 237 20.10 10.27 0.74
C SER A 237 21.38 10.04 -0.07
N GLU A 238 22.35 9.34 0.52
CA GLU A 238 23.59 9.06 -0.19
C GLU A 238 23.35 8.10 -1.33
N ILE A 239 22.51 7.11 -1.11
CA ILE A 239 22.18 6.12 -2.14
C ILE A 239 21.42 6.81 -3.27
N ALA A 240 20.57 7.76 -2.90
CA ALA A 240 19.78 8.51 -3.86
C ALA A 240 20.70 9.32 -4.79
N ARG A 241 21.65 10.05 -4.20
CA ARG A 241 22.55 10.87 -5.01
C ARG A 241 23.25 10.08 -6.10
N GLU A 242 23.51 8.80 -5.84
CA GLU A 242 24.18 7.93 -6.82
C GLU A 242 23.21 7.33 -7.82
N LEU A 243 21.95 7.16 -7.39
CA LEU A 243 20.86 6.62 -8.20
C LEU A 243 20.44 7.65 -9.25
N ASP A 244 20.11 8.83 -8.76
CA ASP A 244 19.67 9.95 -9.58
C ASP A 244 20.60 10.25 -10.75
N LYS A 245 21.84 9.79 -10.67
CA LYS A 245 22.80 10.06 -11.74
C LYS A 245 22.55 9.22 -13.00
N VAL A 246 21.71 8.20 -12.87
CA VAL A 246 21.43 7.33 -14.00
C VAL A 246 19.99 7.46 -14.51
N LEU A 247 19.12 8.04 -13.70
CA LEU A 247 17.72 8.19 -14.05
C LEU A 247 17.34 9.61 -14.44
N LYS A 248 16.39 9.74 -15.36
CA LYS A 248 15.93 11.04 -15.80
C LYS A 248 15.12 11.69 -14.67
N ASN A 249 14.31 10.88 -14.01
CA ASN A 249 13.50 11.36 -12.90
C ASN A 249 14.20 11.02 -11.59
N PRO A 250 14.06 11.90 -10.59
CA PRO A 250 14.69 11.68 -9.28
C PRO A 250 14.02 10.61 -8.42
N SER A 251 14.85 9.74 -7.84
CA SER A 251 14.35 8.69 -6.94
C SER A 251 13.91 9.36 -5.65
N SER A 252 13.16 8.64 -4.84
CA SER A 252 12.71 9.18 -3.58
C SER A 252 12.49 8.08 -2.55
N MET A 253 12.19 8.49 -1.33
CA MET A 253 12.02 7.57 -0.24
C MET A 253 10.66 6.95 -0.17
N ILE A 254 10.64 5.63 -0.08
CA ILE A 254 9.35 5.03 0.20
C ILE A 254 8.93 5.70 1.54
N MET A 255 7.69 6.14 1.60
CA MET A 255 7.18 6.81 2.79
C MET A 255 6.86 5.83 3.86
N LEU A 256 7.77 5.92 4.84
CA LEU A 256 7.84 5.21 6.06
C LEU A 256 8.28 3.79 5.93
N GLY A 257 9.42 3.74 5.26
CA GLY A 257 10.26 2.58 5.21
C GLY A 257 11.69 3.05 4.96
N LYS A 258 12.59 2.08 4.85
CA LYS A 258 13.97 2.38 4.54
C LYS A 258 14.22 1.77 3.20
N GLY A 259 13.96 2.61 2.23
CA GLY A 259 14.12 2.26 0.86
C GLY A 259 13.74 3.44 0.05
N LEU A 260 14.09 3.23 -1.18
CA LEU A 260 13.81 4.21 -2.18
C LEU A 260 13.07 3.58 -3.35
N PHE A 261 12.42 4.44 -4.13
CA PHE A 261 11.71 3.98 -5.32
C PHE A 261 11.88 5.06 -6.38
N ALA A 262 11.59 4.70 -7.62
CA ALA A 262 11.70 5.64 -8.72
C ALA A 262 10.90 5.15 -9.91
N LEU A 263 10.41 6.09 -10.72
CA LEU A 263 9.68 5.75 -11.92
C LEU A 263 10.76 5.70 -12.99
N VAL A 264 10.88 4.56 -13.67
CA VAL A 264 11.93 4.43 -14.67
C VAL A 264 11.49 3.80 -15.99
N ARG A 265 12.31 4.00 -17.02
CA ARG A 265 12.07 3.47 -18.35
C ARG A 265 12.89 2.19 -18.48
N ASP A 266 12.50 1.32 -19.39
CA ASP A 266 13.19 0.06 -19.57
C ASP A 266 14.71 0.16 -19.65
N GLU A 267 15.20 1.00 -20.56
CA GLU A 267 16.65 1.15 -20.72
C GLU A 267 17.35 1.64 -19.46
N GLU A 268 16.83 2.69 -18.85
CA GLU A 268 17.43 3.19 -17.61
C GLU A 268 17.49 2.05 -16.58
N ALA A 269 16.38 1.35 -16.42
CA ALA A 269 16.27 0.26 -15.47
C ALA A 269 17.50 -0.65 -15.48
N GLU A 270 17.98 -0.96 -16.68
CA GLU A 270 19.16 -1.80 -16.82
C GLU A 270 20.34 -1.15 -16.11
N LYS A 271 20.61 0.09 -16.47
CA LYS A 271 21.72 0.85 -15.88
C LYS A 271 21.55 0.85 -14.37
N ALA A 272 20.32 1.12 -13.93
CA ALA A 272 20.01 1.16 -12.50
C ALA A 272 20.32 -0.17 -11.84
N LYS A 273 20.19 -1.26 -12.58
CA LYS A 273 20.49 -2.58 -12.04
C LYS A 273 22.00 -2.70 -11.87
N GLN A 274 22.74 -2.51 -12.97
CA GLN A 274 24.19 -2.60 -12.93
C GLN A 274 24.71 -1.76 -11.77
N LEU A 275 24.24 -0.51 -11.69
CA LEU A 275 24.68 0.39 -10.64
C LEU A 275 24.37 -0.16 -9.25
N LEU A 276 23.09 -0.45 -8.99
CA LEU A 276 22.65 -0.94 -7.68
C LEU A 276 23.30 -2.24 -7.24
N SER A 277 23.28 -3.23 -8.12
CA SER A 277 23.87 -4.52 -7.81
C SER A 277 25.35 -4.36 -7.50
N ASP A 278 25.98 -3.39 -8.15
CA ASP A 278 27.39 -3.12 -7.97
C ASP A 278 27.61 -2.31 -6.68
N MET A 279 26.57 -2.22 -5.87
CA MET A 279 26.59 -1.50 -4.59
C MET A 279 26.10 -2.39 -3.47
N ASN A 280 26.02 -3.69 -3.75
CA ASN A 280 25.57 -4.70 -2.80
C ASN A 280 24.16 -4.37 -2.30
N LEU A 281 23.44 -3.58 -3.08
CA LEU A 281 22.09 -3.17 -2.73
C LEU A 281 21.03 -4.06 -3.36
N PRO A 282 19.94 -4.33 -2.62
CA PRO A 282 18.87 -5.16 -3.12
C PRO A 282 17.90 -4.30 -3.95
N TYR A 283 17.37 -4.85 -5.05
CA TYR A 283 16.45 -4.12 -5.92
C TYR A 283 15.33 -5.01 -6.49
N ASP A 284 14.15 -4.40 -6.72
CA ASP A 284 12.98 -5.07 -7.32
C ASP A 284 12.47 -4.14 -8.42
N ILE A 285 11.84 -4.75 -9.42
CA ILE A 285 11.22 -4.05 -10.53
C ILE A 285 9.78 -4.52 -10.59
N ALA A 286 8.85 -3.58 -10.48
CA ALA A 286 7.44 -3.92 -10.55
C ALA A 286 6.76 -2.99 -11.55
N GLU A 287 5.81 -3.52 -12.29
CA GLU A 287 5.07 -2.72 -13.26
C GLU A 287 4.07 -1.90 -12.47
N ILE A 288 3.66 -0.76 -13.01
CA ILE A 288 2.65 0.06 -12.34
C ILE A 288 1.31 -0.63 -12.56
N TYR A 289 0.70 -1.09 -11.46
CA TYR A 289 -0.60 -1.77 -11.54
C TYR A 289 -1.69 -0.74 -11.79
N THR A 290 -2.14 -0.68 -13.03
CA THR A 290 -3.14 0.30 -13.42
C THR A 290 -4.60 -0.10 -13.17
N GLU A 291 -4.80 -1.41 -12.99
CA GLU A 291 -6.10 -1.97 -12.73
C GLU A 291 -6.61 -1.77 -11.31
N ARG A 292 -7.74 -2.41 -11.03
CA ARG A 292 -8.35 -2.36 -9.72
C ARG A 292 -8.10 -3.70 -9.02
N PRO A 293 -8.25 -3.75 -7.69
CA PRO A 293 -8.05 -5.00 -6.96
C PRO A 293 -8.91 -6.10 -7.57
N LYS A 294 -8.34 -7.30 -7.69
CA LYS A 294 -9.04 -8.45 -8.26
C LYS A 294 -9.63 -9.32 -7.15
N VAL A 295 -10.80 -9.89 -7.41
CA VAL A 295 -11.49 -10.80 -6.51
C VAL A 295 -12.34 -11.75 -7.35
N GLY A 296 -12.34 -13.01 -6.99
CA GLY A 296 -13.11 -13.98 -7.74
C GLY A 296 -12.77 -15.41 -7.39
N ARG A 297 -13.66 -16.33 -7.75
CA ARG A 297 -13.46 -17.74 -7.48
C ARG A 297 -12.10 -18.14 -8.06
N TRP A 298 -11.25 -18.74 -7.23
CA TRP A 298 -9.92 -19.12 -7.69
C TRP A 298 -9.99 -20.26 -8.67
N VAL A 299 -9.81 -19.93 -9.95
CA VAL A 299 -9.88 -20.94 -10.99
C VAL A 299 -8.60 -20.97 -11.82
N GLY A 300 -7.55 -20.30 -11.31
CA GLY A 300 -6.28 -20.29 -12.02
C GLY A 300 -5.88 -18.96 -12.63
C1 GOL B . -1.16 -8.52 -10.92
O1 GOL B . 0.19 -8.90 -11.14
C2 GOL B . -2.08 -9.73 -11.17
O2 GOL B . -1.73 -10.79 -10.28
C3 GOL B . -3.55 -9.30 -10.96
O3 GOL B . -4.41 -10.42 -11.20
C1 GOL C . 0.61 4.92 5.15
O1 GOL C . -0.26 3.79 5.32
C2 GOL C . -0.01 5.90 4.17
O2 GOL C . -1.27 6.35 4.65
C3 GOL C . 0.93 7.11 3.98
O3 GOL C . 0.34 8.02 3.06
C1 GOL D . -20.03 -15.91 -4.83
O1 GOL D . -20.42 -16.96 -3.98
C2 GOL D . -21.16 -14.85 -4.99
O2 GOL D . -21.34 -14.17 -3.73
C3 GOL D . -20.73 -13.80 -5.97
O3 GOL D . -21.85 -12.91 -6.16
C1 EDO E . -8.38 -2.58 -14.58
O1 EDO E . -8.81 -1.85 -15.70
C2 EDO E . -9.46 -3.57 -14.15
O2 EDO E . -9.04 -4.26 -12.99
C1 PGE F . -2.94 6.94 -17.02
O1 PGE F . -2.29 6.09 -17.92
C2 PGE F . -4.15 6.30 -16.39
O2 PGE F . -3.82 5.78 -15.11
C3 PGE F . -5.04 5.38 -14.53
C4 PGE F . -4.94 3.95 -14.03
O4 PGE F . -8.66 5.22 -12.39
C6 PGE F . -7.80 4.10 -12.62
C5 PGE F . -7.25 4.21 -14.03
O3 PGE F . -6.19 3.32 -14.25
PG ATP G . 0.40 -1.08 6.80
O1G ATP G . -1.12 -1.28 6.41
O2G ATP G . 0.84 0.30 6.32
O3G ATP G . 0.59 -1.18 8.38
PB ATP G . 2.90 -2.39 6.02
O1B ATP G . 3.31 -3.55 5.02
O2B ATP G . 3.43 -2.75 7.38
O3B ATP G . 1.30 -2.20 6.03
PA ATP G . 4.74 -0.07 6.10
O1A ATP G . 6.06 -0.92 6.10
O2A ATP G . 4.94 1.17 5.24
O3A ATP G . 3.53 -0.97 5.49
O5' ATP G . 4.35 0.49 7.59
C5' ATP G . 5.26 0.08 8.66
C4' ATP G . 6.57 0.90 8.54
O4' ATP G . 6.32 2.25 8.82
C3' ATP G . 7.61 0.42 9.55
O3' ATP G . 8.92 0.53 9.00
C2' ATP G . 7.48 1.38 10.76
O2' ATP G . 8.68 1.63 11.45
C1' ATP G . 7.08 2.67 9.94
N9 ATP G . 6.34 3.66 10.70
MG MG H . 2.88 -1.44 9.55
CA CA I . -12.89 6.28 17.40
CA CA J . 8.48 -2.66 -20.38
CA CA K . 3.25 -13.70 -4.53
NA NA L . 1.64 -4.49 -0.25
NA NA M . -2.84 6.30 -12.76
#